data_8WFJ
#
_entry.id   8WFJ
#
_cell.length_a   1.00
_cell.length_b   1.00
_cell.length_c   1.00
_cell.angle_alpha   90.00
_cell.angle_beta   90.00
_cell.angle_gamma   90.00
#
_symmetry.space_group_name_H-M   'P 1'
#
loop_
_entity.id
_entity.type
_entity.pdbx_description
1 polymer 'Sodium- and chloride-dependent glycine transporter 1'
2 non-polymer ALX5407
#
_entity_poly.entity_id   1
_entity_poly.type   'polypeptide(L)'
_entity_poly.pdbx_seq_one_letter_code
;MSGGDTRAAIARPRMAAAHGPVAPSSPEQNGAVPSEATKRDQNLKRGNWGNQIEFVLTSVGYAVGLGNVWRFPYLCYRNG
GGAFMFPYFIMLIFCGIPLFFMELSFGQFASQGCLGVWRISPMFKGVGYGMMVVSTYIGIYYNVVICIAFYYFFSSMTHV
LPWAYCNNPWNTHDCAGVLDASNLTNGSRPAALPSNLSHLLNHSLQRTSPSEEYWRLYVLKLSDDIGNFGEVRLPLLGCL
GVSWLVVFLCLIRGVKSSGKVVYFTATFPYVVLTILFVRGVTLEGAFDGIMYYLTPQWDKILEAKVWGDAASQIFYSLGC
AWGGLITMASYNKFHNNCYRDSVIISITNCATSVYAGFVIFSILGFMANHLGVDVSRVADHGPGLAFVAYPEALTLLPIS
PLWSLLFFFMLILLGLGTQFCLLETLVTAIVDEVGNEWILQKKTYVTLGVAVAGFLLGIPLTSQAGIYWLLLMDNYAASF
SLVVISCIMCVAIMYIYGHRNYFQDIQMMLGFPPPLFFQICWRFVSPAIIFFILVFTVIQYQPITYNHYQYPGWAVAIGF
LMALSSVLCIPLYAMFRLCRTDGDTLLQRLKNATKPSRDWGPALLEHRTGRYAPTIAPSPEDGFEVQPLHPDKAQIPIVG
SNGSSRLQDSRI
;
_entity_poly.pdbx_strand_id   A
#
# COMPACT_ATOMS: atom_id res chain seq x y z
N GLU A 54 13.46 21.52 -11.15
CA GLU A 54 13.63 20.20 -10.57
C GLU A 54 12.36 19.69 -9.91
N PHE A 55 11.21 20.20 -10.38
CA PHE A 55 9.94 19.77 -9.81
C PHE A 55 9.64 18.31 -10.13
N VAL A 56 10.08 17.82 -11.29
CA VAL A 56 9.88 16.41 -11.62
C VAL A 56 10.61 15.52 -10.64
N LEU A 57 11.83 15.90 -10.26
CA LEU A 57 12.59 15.10 -9.30
C LEU A 57 11.87 15.04 -7.96
N THR A 58 11.33 16.17 -7.50
CA THR A 58 10.57 16.17 -6.24
C THR A 58 9.32 15.32 -6.36
N SER A 59 8.62 15.40 -7.49
CA SER A 59 7.41 14.59 -7.68
C SER A 59 7.73 13.11 -7.83
N VAL A 60 8.93 12.79 -8.33
CA VAL A 60 9.31 11.39 -8.48
C VAL A 60 9.41 10.71 -7.13
N GLY A 61 10.05 11.37 -6.16
CA GLY A 61 10.22 10.78 -4.84
C GLY A 61 9.02 10.87 -3.93
N TYR A 62 7.97 11.60 -4.34
CA TYR A 62 6.79 11.73 -3.50
C TYR A 62 5.95 10.46 -3.52
N ALA A 63 5.88 9.79 -4.67
CA ALA A 63 5.01 8.63 -4.83
C ALA A 63 5.72 7.30 -4.66
N VAL A 64 7.02 7.23 -4.94
CA VAL A 64 7.73 5.96 -4.84
C VAL A 64 7.86 5.56 -3.38
N GLY A 65 7.51 4.31 -3.08
CA GLY A 65 7.63 3.77 -1.74
C GLY A 65 7.75 2.27 -1.80
N LEU A 66 7.37 1.61 -0.71
CA LEU A 66 7.34 0.15 -0.66
C LEU A 66 6.01 -0.42 -1.14
N GLY A 67 5.05 0.42 -1.50
CA GLY A 67 3.77 -0.07 -1.99
C GLY A 67 3.79 -0.57 -3.42
N ASN A 68 4.85 -0.28 -4.18
CA ASN A 68 4.97 -0.76 -5.54
C ASN A 68 6.21 -1.60 -5.78
N VAL A 69 7.28 -1.39 -5.03
CA VAL A 69 8.46 -2.24 -5.17
C VAL A 69 8.18 -3.65 -4.62
N TRP A 70 7.43 -3.75 -3.53
CA TRP A 70 7.18 -5.02 -2.86
C TRP A 70 5.75 -5.53 -3.06
N ARG A 71 4.75 -4.67 -2.88
CA ARG A 71 3.37 -5.13 -2.94
C ARG A 71 2.94 -5.43 -4.38
N PHE A 72 3.30 -4.55 -5.32
CA PHE A 72 2.85 -4.74 -6.70
C PHE A 72 3.34 -6.03 -7.33
N PRO A 73 4.61 -6.44 -7.21
CA PRO A 73 5.01 -7.70 -7.84
C PRO A 73 4.23 -8.90 -7.34
N TYR A 74 4.05 -9.04 -6.02
CA TYR A 74 3.34 -10.21 -5.52
C TYR A 74 1.85 -10.12 -5.84
N LEU A 75 1.27 -8.92 -5.81
CA LEU A 75 -0.14 -8.79 -6.21
C LEU A 75 -0.33 -9.18 -7.66
N CYS A 76 0.55 -8.71 -8.54
CA CYS A 76 0.44 -9.05 -9.96
C CYS A 76 0.62 -10.55 -10.19
N TYR A 77 1.59 -11.16 -9.52
CA TYR A 77 1.80 -12.59 -9.69
C TYR A 77 0.61 -13.39 -9.16
N ARG A 78 0.05 -12.98 -8.02
CA ARG A 78 -1.13 -13.66 -7.50
C ARG A 78 -2.31 -13.55 -8.46
N ASN A 79 -2.49 -12.37 -9.05
CA ASN A 79 -3.62 -12.16 -9.94
C ASN A 79 -3.35 -12.61 -11.38
N GLY A 80 -2.15 -13.12 -11.67
CA GLY A 80 -1.84 -13.66 -12.97
C GLY A 80 -0.86 -12.86 -13.79
N GLY A 81 -0.59 -11.61 -13.43
CA GLY A 81 0.40 -10.83 -14.14
C GLY A 81 -0.14 -10.19 -15.42
N GLY A 82 -0.29 -10.98 -16.47
CA GLY A 82 -0.81 -10.44 -17.71
C GLY A 82 -2.28 -10.09 -17.65
N ALA A 83 -3.05 -10.81 -16.85
CA ALA A 83 -4.47 -10.54 -16.68
C ALA A 83 -4.74 -9.46 -15.64
N PHE A 84 -3.70 -8.93 -15.01
CA PHE A 84 -3.84 -7.89 -14.00
C PHE A 84 -3.46 -6.50 -14.49
N MET A 85 -2.52 -6.40 -15.43
CA MET A 85 -2.07 -5.09 -15.89
C MET A 85 -3.17 -4.35 -16.63
N PHE A 86 -3.91 -5.05 -17.50
CA PHE A 86 -4.98 -4.41 -18.24
C PHE A 86 -6.06 -3.87 -17.30
N PRO A 87 -6.59 -4.63 -16.33
CA PRO A 87 -7.47 -4.01 -15.33
C PRO A 87 -6.78 -2.91 -14.54
N TYR A 88 -5.50 -3.08 -14.24
CA TYR A 88 -4.76 -2.03 -13.53
C TYR A 88 -4.70 -0.75 -14.35
N PHE A 89 -4.40 -0.88 -15.65
CA PHE A 89 -4.28 0.30 -16.49
C PHE A 89 -5.62 0.98 -16.69
N ILE A 90 -6.70 0.20 -16.84
CA ILE A 90 -8.02 0.80 -16.94
C ILE A 90 -8.40 1.50 -15.63
N MET A 91 -8.11 0.87 -14.49
CA MET A 91 -8.48 1.43 -13.20
C MET A 91 -7.72 2.73 -12.93
N LEU A 92 -6.44 2.77 -13.27
CA LEU A 92 -5.62 3.94 -12.96
C LEU A 92 -6.13 5.20 -13.67
N ILE A 93 -6.49 5.07 -14.95
CA ILE A 93 -6.83 6.25 -15.74
C ILE A 93 -8.15 6.87 -15.26
N PHE A 94 -9.15 6.05 -15.00
CA PHE A 94 -10.50 6.54 -14.76
C PHE A 94 -10.83 6.74 -13.28
N CYS A 95 -10.43 5.82 -12.41
CA CYS A 95 -10.71 5.94 -10.98
C CYS A 95 -9.40 5.75 -10.23
N GLY A 96 -8.77 6.85 -9.83
CA GLY A 96 -7.47 6.82 -9.19
C GLY A 96 -6.59 7.95 -9.64
N ILE A 97 -6.73 8.39 -10.88
CA ILE A 97 -6.14 9.67 -11.31
C ILE A 97 -7.08 10.81 -10.93
N PRO A 98 -8.38 10.76 -11.23
CA PRO A 98 -9.26 11.84 -10.78
C PRO A 98 -9.47 11.87 -9.28
N LEU A 99 -9.48 10.71 -8.61
CA LEU A 99 -9.61 10.69 -7.16
C LEU A 99 -8.40 11.35 -6.49
N PHE A 100 -7.21 11.10 -7.03
CA PHE A 100 -6.01 11.74 -6.50
C PHE A 100 -6.10 13.26 -6.62
N PHE A 101 -6.54 13.76 -7.78
CA PHE A 101 -6.70 15.19 -7.96
C PHE A 101 -7.76 15.76 -7.03
N MET A 102 -8.87 15.03 -6.85
CA MET A 102 -9.93 15.50 -5.95
C MET A 102 -9.41 15.60 -4.53
N GLU A 103 -8.67 14.60 -4.06
CA GLU A 103 -8.12 14.64 -2.71
C GLU A 103 -7.12 15.78 -2.56
N LEU A 104 -6.25 15.97 -3.56
CA LEU A 104 -5.27 17.06 -3.49
C LEU A 104 -5.96 18.41 -3.43
N SER A 105 -6.98 18.62 -4.27
CA SER A 105 -7.68 19.90 -4.26
C SER A 105 -8.45 20.10 -2.95
N PHE A 106 -9.07 19.03 -2.42
CA PHE A 106 -9.78 19.15 -1.17
C PHE A 106 -8.83 19.54 -0.04
N GLY A 107 -7.65 18.95 -0.01
CA GLY A 107 -6.67 19.33 0.99
C GLY A 107 -6.16 20.74 0.79
N GLN A 108 -5.99 21.16 -0.46
CA GLN A 108 -5.38 22.46 -0.74
C GLN A 108 -6.33 23.61 -0.47
N PHE A 109 -7.62 23.46 -0.78
CA PHE A 109 -8.57 24.57 -0.66
C PHE A 109 -8.66 25.07 0.77
N ALA A 110 -9.11 24.23 1.69
CA ALA A 110 -9.13 24.54 3.11
C ALA A 110 -7.96 23.82 3.76
N SER A 111 -7.00 24.58 4.29
CA SER A 111 -5.81 23.97 4.86
C SER A 111 -6.16 23.29 6.18
N GLN A 112 -6.46 22.00 6.12
CA GLN A 112 -6.82 21.23 7.29
C GLN A 112 -6.33 19.79 7.11
N GLY A 113 -6.21 19.09 8.23
CA GLY A 113 -5.67 17.75 8.23
C GLY A 113 -6.57 16.71 7.61
N CYS A 114 -6.35 15.44 7.95
CA CYS A 114 -7.16 14.35 7.39
C CYS A 114 -8.62 14.53 7.75
N LEU A 115 -8.90 14.87 9.01
CA LEU A 115 -10.23 15.29 9.45
C LEU A 115 -10.19 16.78 9.76
N GLY A 116 -11.32 17.31 10.21
CA GLY A 116 -11.43 18.74 10.44
C GLY A 116 -11.76 19.47 9.16
N VAL A 117 -11.22 18.99 8.04
CA VAL A 117 -11.60 19.52 6.74
C VAL A 117 -13.00 19.08 6.33
N TRP A 118 -13.60 18.13 7.06
CA TRP A 118 -14.93 17.66 6.72
C TRP A 118 -15.99 18.60 7.27
N ARG A 119 -15.84 19.90 7.02
CA ARG A 119 -16.90 20.86 7.24
C ARG A 119 -17.76 21.04 6.00
N ILE A 120 -17.36 20.43 4.88
CA ILE A 120 -18.19 20.40 3.69
C ILE A 120 -19.44 19.56 3.93
N SER A 121 -19.36 18.60 4.87
CA SER A 121 -20.48 17.77 5.26
C SER A 121 -20.18 17.16 6.63
N PRO A 122 -20.51 17.85 7.72
CA PRO A 122 -20.10 17.36 9.05
C PRO A 122 -20.60 15.97 9.38
N MET A 123 -21.78 15.59 8.89
CA MET A 123 -22.31 14.25 9.17
C MET A 123 -21.37 13.16 8.68
N PHE A 124 -20.65 13.41 7.59
CA PHE A 124 -19.70 12.46 7.05
C PHE A 124 -18.31 12.58 7.64
N LYS A 125 -18.18 13.25 8.79
CA LYS A 125 -16.87 13.35 9.44
C LYS A 125 -16.32 11.99 9.82
N GLY A 126 -17.17 10.95 9.89
CA GLY A 126 -16.71 9.61 10.12
C GLY A 126 -15.84 9.06 9.01
N VAL A 127 -15.91 9.64 7.82
CA VAL A 127 -15.01 9.24 6.74
C VAL A 127 -13.56 9.54 7.11
N GLY A 128 -13.32 10.72 7.69
CA GLY A 128 -11.99 11.06 8.14
C GLY A 128 -11.51 10.16 9.26
N TYR A 129 -12.39 9.85 10.20
CA TYR A 129 -12.02 8.92 11.27
C TYR A 129 -11.74 7.53 10.72
N GLY A 130 -12.52 7.10 9.71
CA GLY A 130 -12.23 5.84 9.06
C GLY A 130 -10.89 5.84 8.35
N MET A 131 -10.47 6.99 7.83
CA MET A 131 -9.17 7.07 7.17
C MET A 131 -8.04 6.78 8.13
N MET A 132 -8.12 7.31 9.36
CA MET A 132 -7.08 7.05 10.34
C MET A 132 -7.06 5.59 10.76
N VAL A 133 -8.23 4.93 10.79
CA VAL A 133 -8.26 3.51 11.11
C VAL A 133 -7.50 2.72 10.05
N VAL A 134 -7.70 3.05 8.77
CA VAL A 134 -6.92 2.43 7.72
C VAL A 134 -5.44 2.78 7.87
N SER A 135 -5.14 4.04 8.16
CA SER A 135 -3.75 4.44 8.35
C SER A 135 -3.10 3.71 9.52
N THR A 136 -3.86 3.51 10.60
CA THR A 136 -3.34 2.77 11.74
C THR A 136 -3.01 1.34 11.36
N TYR A 137 -3.88 0.70 10.57
CA TYR A 137 -3.65 -0.69 10.18
C TYR A 137 -2.39 -0.83 9.36
N ILE A 138 -2.14 0.11 8.44
CA ILE A 138 -0.88 0.11 7.69
C ILE A 138 0.26 0.70 8.51
N GLY A 139 0.01 1.11 9.75
CA GLY A 139 1.07 1.59 10.61
C GLY A 139 1.71 0.54 11.50
N ILE A 140 1.11 -0.64 11.57
CA ILE A 140 1.64 -1.70 12.43
C ILE A 140 2.22 -2.85 11.63
N TYR A 141 1.93 -2.95 10.33
CA TYR A 141 2.50 -4.01 9.49
C TYR A 141 3.40 -3.48 8.38
N TYR A 142 3.42 -2.17 8.14
CA TYR A 142 4.38 -1.62 7.18
C TYR A 142 5.80 -1.80 7.67
N ASN A 143 6.02 -1.62 8.98
CA ASN A 143 7.37 -1.76 9.53
C ASN A 143 7.90 -3.17 9.35
N VAL A 144 7.05 -4.18 9.55
CA VAL A 144 7.47 -5.57 9.40
C VAL A 144 8.05 -5.80 8.01
N VAL A 145 7.51 -5.13 6.99
CA VAL A 145 8.12 -5.18 5.66
C VAL A 145 9.51 -4.55 5.71
N ILE A 146 9.65 -3.42 6.38
CA ILE A 146 10.96 -2.77 6.51
C ILE A 146 11.88 -3.60 7.38
N CYS A 147 11.34 -4.23 8.43
CA CYS A 147 12.18 -5.00 9.34
C CYS A 147 12.78 -6.22 8.66
N ILE A 148 12.04 -6.85 7.75
CA ILE A 148 12.63 -7.94 6.96
C ILE A 148 13.75 -7.40 6.08
N ALA A 149 13.59 -6.18 5.56
CA ALA A 149 14.67 -5.54 4.84
C ALA A 149 15.87 -5.27 5.75
N PHE A 150 15.60 -4.91 7.01
CA PHE A 150 16.68 -4.73 7.97
C PHE A 150 17.43 -6.04 8.19
N TYR A 151 16.70 -7.15 8.32
CA TYR A 151 17.35 -8.45 8.48
C TYR A 151 18.16 -8.81 7.24
N TYR A 152 17.62 -8.53 6.05
CA TYR A 152 18.36 -8.83 4.83
C TYR A 152 19.54 -7.88 4.65
N PHE A 153 19.38 -6.61 5.03
CA PHE A 153 20.47 -5.66 4.92
C PHE A 153 21.62 -6.03 5.86
N PHE A 154 21.30 -6.46 7.08
CA PHE A 154 22.35 -6.78 8.04
C PHE A 154 23.03 -8.10 7.73
N SER A 155 22.33 -9.03 7.07
CA SER A 155 22.89 -10.33 6.76
C SER A 155 23.70 -10.34 5.47
N SER A 156 23.79 -9.21 4.78
CA SER A 156 24.55 -9.11 3.53
C SER A 156 25.97 -8.61 3.75
N MET A 157 26.40 -8.43 4.99
CA MET A 157 27.72 -7.90 5.29
C MET A 157 28.80 -8.97 5.26
N THR A 158 28.45 -10.23 5.01
CA THR A 158 29.44 -11.29 4.99
C THR A 158 30.29 -11.21 3.72
N HIS A 159 31.21 -12.16 3.58
CA HIS A 159 32.02 -12.23 2.37
C HIS A 159 31.16 -12.49 1.14
N VAL A 160 30.20 -13.42 1.25
CA VAL A 160 29.26 -13.72 0.19
C VAL A 160 27.86 -13.67 0.78
N LEU A 161 26.89 -13.44 -0.11
CA LEU A 161 25.50 -13.42 0.33
C LEU A 161 25.08 -14.82 0.77
N PRO A 162 24.38 -14.93 1.90
CA PRO A 162 23.94 -16.26 2.35
C PRO A 162 23.01 -16.96 1.36
N TRP A 163 22.21 -16.21 0.61
CA TRP A 163 21.30 -16.80 -0.37
C TRP A 163 21.97 -16.98 -1.73
N ALA A 164 23.17 -17.55 -1.73
CA ALA A 164 23.91 -17.79 -2.97
C ALA A 164 24.10 -19.28 -3.24
N TYR A 165 24.71 -19.99 -2.30
CA TYR A 165 24.85 -21.43 -2.37
C TYR A 165 24.08 -22.06 -1.21
N CYS A 166 23.29 -23.09 -1.49
CA CYS A 166 22.45 -23.65 -0.42
C CYS A 166 23.10 -24.77 0.42
N ASN A 167 24.41 -24.92 0.34
CA ASN A 167 25.09 -25.93 1.15
C ASN A 167 25.06 -25.53 2.62
N ASN A 168 23.83 -25.43 3.14
CA ASN A 168 23.57 -24.91 4.47
C ASN A 168 22.77 -25.91 5.28
N PRO A 169 22.90 -25.89 6.62
CA PRO A 169 22.20 -26.88 7.45
C PRO A 169 20.69 -26.77 7.42
N TRP A 170 20.13 -25.65 6.95
CA TRP A 170 18.70 -25.40 7.01
C TRP A 170 18.01 -25.59 5.67
N ASN A 171 18.56 -26.43 4.80
CA ASN A 171 17.95 -26.74 3.51
C ASN A 171 17.66 -28.23 3.39
N THR A 172 16.67 -28.57 2.57
CA THR A 172 16.43 -29.95 2.17
C THR A 172 17.10 -30.19 0.82
N HIS A 173 16.85 -31.37 0.23
CA HIS A 173 17.39 -31.72 -1.07
C HIS A 173 16.48 -31.28 -2.22
N ASP A 174 16.07 -30.02 -2.17
CA ASP A 174 15.19 -29.42 -3.16
C ASP A 174 15.85 -28.21 -3.80
N CYS A 175 17.11 -28.38 -4.17
CA CYS A 175 17.89 -27.28 -4.73
C CYS A 175 18.36 -27.51 -6.15
N ALA A 176 18.35 -26.47 -6.97
CA ALA A 176 18.84 -26.54 -8.33
C ALA A 176 20.18 -25.81 -8.48
N GLY A 177 20.22 -24.53 -8.14
CA GLY A 177 21.47 -23.79 -8.11
C GLY A 177 22.00 -23.42 -9.48
N VAL A 178 22.59 -22.23 -9.59
CA VAL A 178 23.29 -21.80 -10.79
C VAL A 178 24.77 -21.58 -10.54
N LEU A 179 25.13 -21.09 -9.35
CA LEU A 179 26.53 -20.94 -8.96
C LEU A 179 27.06 -22.17 -8.25
N ASP A 180 26.23 -23.19 -8.01
CA ASP A 180 26.66 -24.40 -7.33
C ASP A 180 27.68 -25.17 -8.16
N HIS A 203 15.44 -38.82 -6.42
CA HIS A 203 14.09 -38.32 -6.19
C HIS A 203 14.11 -36.84 -5.83
N SER A 204 13.66 -36.01 -6.76
CA SER A 204 13.63 -34.56 -6.54
C SER A 204 12.51 -33.98 -7.39
N LEU A 205 11.46 -33.48 -6.74
CA LEU A 205 10.31 -32.92 -7.42
C LEU A 205 10.03 -31.51 -6.89
N GLN A 206 9.72 -30.59 -7.80
CA GLN A 206 9.38 -29.21 -7.47
C GLN A 206 10.51 -28.57 -6.64
N ARG A 207 11.66 -28.44 -7.29
CA ARG A 207 12.83 -27.86 -6.64
C ARG A 207 12.57 -26.40 -6.27
N THR A 208 13.15 -25.99 -5.15
CA THR A 208 13.02 -24.64 -4.65
C THR A 208 14.33 -23.87 -4.85
N SER A 209 14.21 -22.59 -5.16
CA SER A 209 15.38 -21.76 -5.38
C SER A 209 16.16 -21.60 -4.07
N PRO A 210 17.49 -21.45 -4.17
CA PRO A 210 18.28 -21.26 -2.94
C PRO A 210 17.84 -20.07 -2.11
N SER A 211 17.39 -18.99 -2.75
CA SER A 211 16.94 -17.82 -2.01
C SER A 211 15.60 -18.07 -1.33
N GLU A 212 14.75 -18.92 -1.91
CA GLU A 212 13.44 -19.19 -1.31
C GLU A 212 13.58 -19.99 -0.02
N GLU A 213 14.43 -21.01 -0.02
CA GLU A 213 14.61 -21.83 1.19
C GLU A 213 15.23 -21.01 2.32
N TYR A 214 16.19 -20.13 1.99
CA TYR A 214 16.79 -19.28 3.00
C TYR A 214 15.76 -18.33 3.60
N TRP A 215 14.71 -17.99 2.84
CA TRP A 215 13.66 -17.12 3.32
C TRP A 215 12.55 -17.87 4.04
N ARG A 216 12.15 -19.03 3.53
CA ARG A 216 11.04 -19.77 4.11
C ARG A 216 11.45 -20.67 5.27
N LEU A 217 12.75 -20.90 5.48
CA LEU A 217 13.20 -21.80 6.52
C LEU A 217 14.15 -21.19 7.53
N TYR A 218 14.81 -20.08 7.20
CA TYR A 218 15.73 -19.42 8.12
C TYR A 218 15.27 -18.03 8.52
N VAL A 219 14.99 -17.16 7.54
CA VAL A 219 14.54 -15.81 7.87
C VAL A 219 13.20 -15.85 8.59
N LEU A 220 12.28 -16.68 8.12
CA LEU A 220 10.95 -16.83 8.72
C LEU A 220 10.63 -18.33 8.79
N LYS A 221 10.82 -18.91 9.97
CA LYS A 221 10.49 -20.31 10.15
C LYS A 221 8.98 -20.47 10.05
N LEU A 222 8.51 -20.96 8.91
CA LEU A 222 7.08 -20.97 8.62
C LEU A 222 6.37 -22.06 9.40
N SER A 223 5.07 -21.85 9.60
CA SER A 223 4.19 -22.82 10.24
C SER A 223 3.14 -23.28 9.23
N ASP A 224 2.42 -24.33 9.61
CA ASP A 224 1.42 -24.92 8.72
C ASP A 224 0.03 -24.31 8.88
N ASP A 225 -0.15 -23.41 9.86
CA ASP A 225 -1.45 -22.79 10.09
C ASP A 225 -1.23 -21.51 10.87
N ILE A 226 -2.27 -20.65 10.86
CA ILE A 226 -2.18 -19.39 11.58
C ILE A 226 -2.08 -19.63 13.08
N GLY A 227 -2.87 -20.56 13.61
CA GLY A 227 -2.86 -20.85 15.02
C GLY A 227 -1.64 -21.66 15.45
N ASN A 228 -0.47 -21.26 14.98
CA ASN A 228 0.78 -21.96 15.28
C ASN A 228 1.87 -20.94 15.62
N PHE A 229 1.57 -20.04 16.56
CA PHE A 229 2.53 -19.00 16.94
C PHE A 229 3.86 -19.61 17.37
N GLY A 230 3.81 -20.57 18.28
CA GLY A 230 5.00 -21.30 18.68
C GLY A 230 6.08 -20.45 19.31
N GLU A 231 7.17 -20.23 18.57
CA GLU A 231 8.34 -19.50 19.07
C GLU A 231 8.46 -18.17 18.32
N VAL A 232 8.71 -17.11 19.08
CA VAL A 232 8.88 -15.78 18.49
C VAL A 232 10.30 -15.64 17.94
N ARG A 233 10.42 -15.17 16.71
CA ARG A 233 11.71 -15.02 16.06
C ARG A 233 12.47 -13.85 16.70
N LEU A 234 13.51 -14.17 17.48
CA LEU A 234 14.27 -13.14 18.18
C LEU A 234 14.95 -12.14 17.25
N PRO A 235 15.69 -12.54 16.21
CA PRO A 235 16.32 -11.53 15.35
C PRO A 235 15.31 -10.59 14.70
N LEU A 236 14.15 -11.11 14.31
CA LEU A 236 13.14 -10.23 13.71
C LEU A 236 12.56 -9.28 14.75
N LEU A 237 12.42 -9.74 15.99
CA LEU A 237 11.99 -8.84 17.06
C LEU A 237 13.00 -7.72 17.29
N GLY A 238 14.28 -8.06 17.28
CA GLY A 238 15.30 -7.03 17.41
C GLY A 238 15.28 -6.05 16.25
N CYS A 239 15.10 -6.56 15.03
CA CYS A 239 15.00 -5.68 13.88
C CYS A 239 13.78 -4.77 13.97
N LEU A 240 12.66 -5.30 14.46
CA LEU A 240 11.47 -4.48 14.64
C LEU A 240 11.71 -3.38 15.65
N GLY A 241 12.35 -3.72 16.78
CA GLY A 241 12.68 -2.70 17.76
C GLY A 241 13.59 -1.64 17.21
N VAL A 242 14.61 -2.05 16.45
CA VAL A 242 15.55 -1.09 15.86
C VAL A 242 14.83 -0.16 14.88
N SER A 243 13.98 -0.73 14.02
CA SER A 243 13.27 0.07 13.03
C SER A 243 12.33 1.06 13.71
N TRP A 244 11.60 0.62 14.72
CA TRP A 244 10.67 1.52 15.40
C TRP A 244 11.41 2.60 16.17
N LEU A 245 12.55 2.27 16.78
CA LEU A 245 13.35 3.29 17.45
C LEU A 245 13.90 4.30 16.46
N VAL A 246 14.33 3.83 15.29
CA VAL A 246 14.82 4.75 14.25
C VAL A 246 13.70 5.69 13.80
N VAL A 247 12.51 5.15 13.59
CA VAL A 247 11.38 5.99 13.17
C VAL A 247 11.04 7.00 14.26
N PHE A 248 11.00 6.55 15.52
CA PHE A 248 10.64 7.44 16.61
C PHE A 248 11.66 8.55 16.80
N LEU A 249 12.95 8.22 16.70
CA LEU A 249 13.98 9.24 16.87
C LEU A 249 14.08 10.19 15.68
N CYS A 250 13.45 9.87 14.56
CA CYS A 250 13.42 10.76 13.40
C CYS A 250 12.27 11.73 13.43
N LEU A 251 11.41 11.66 14.45
CA LEU A 251 10.28 12.57 14.58
C LEU A 251 10.54 13.73 15.53
N ILE A 252 11.34 13.52 16.58
CA ILE A 252 11.67 14.61 17.49
C ILE A 252 12.60 15.62 16.81
N ARG A 253 13.60 15.13 16.08
CA ARG A 253 14.57 16.01 15.45
C ARG A 253 14.01 16.76 14.25
N GLY A 254 12.84 16.37 13.75
CA GLY A 254 12.23 17.05 12.63
C GLY A 254 11.31 16.16 11.80
N TYR A 263 19.33 14.87 -4.47
CA TYR A 263 19.49 13.49 -4.93
C TYR A 263 19.38 12.53 -3.74
N PHE A 264 19.64 11.24 -4.00
CA PHE A 264 19.66 10.15 -3.04
C PHE A 264 18.26 9.83 -2.49
N THR A 265 17.24 10.60 -2.86
CA THR A 265 15.87 10.33 -2.42
C THR A 265 14.91 10.06 -3.57
N ALA A 266 15.23 10.49 -4.78
CA ALA A 266 14.39 10.24 -5.96
C ALA A 266 15.12 9.58 -7.12
N THR A 267 16.46 9.65 -7.16
CA THR A 267 17.21 9.02 -8.24
C THR A 267 17.86 7.70 -7.82
N PHE A 268 18.05 7.48 -6.52
CA PHE A 268 18.64 6.22 -6.07
C PHE A 268 17.78 5.00 -6.41
N PRO A 269 16.47 4.98 -6.13
CA PRO A 269 15.69 3.79 -6.52
C PRO A 269 15.76 3.49 -8.01
N TYR A 270 15.72 4.53 -8.85
CA TYR A 270 15.77 4.33 -10.28
C TYR A 270 17.10 3.77 -10.76
N VAL A 271 18.21 4.19 -10.15
CA VAL A 271 19.52 3.66 -10.52
C VAL A 271 19.62 2.17 -10.22
N VAL A 272 19.20 1.75 -9.03
CA VAL A 272 19.26 0.34 -8.67
C VAL A 272 18.30 -0.48 -9.53
N LEU A 273 17.10 0.04 -9.78
CA LEU A 273 16.16 -0.67 -10.64
C LEU A 273 16.70 -0.81 -12.06
N THR A 274 17.35 0.24 -12.58
CA THR A 274 17.97 0.16 -13.89
C THR A 274 19.07 -0.88 -13.92
N ILE A 275 19.92 -0.90 -12.90
CA ILE A 275 21.01 -1.87 -12.84
C ILE A 275 20.46 -3.28 -12.82
N LEU A 276 19.40 -3.51 -12.02
CA LEU A 276 18.76 -4.82 -12.02
C LEU A 276 18.12 -5.14 -13.36
N PHE A 277 17.65 -4.11 -14.09
CA PHE A 277 17.03 -4.33 -15.38
C PHE A 277 18.04 -4.73 -16.45
N VAL A 278 19.26 -4.19 -16.40
CA VAL A 278 20.29 -4.63 -17.34
C VAL A 278 20.60 -6.10 -17.12
N ARG A 279 20.58 -6.55 -15.86
CA ARG A 279 20.63 -7.98 -15.58
C ARG A 279 19.24 -8.59 -15.75
N GLY A 280 19.20 -9.91 -15.73
CA GLY A 280 17.93 -10.60 -15.90
C GLY A 280 17.55 -10.77 -17.34
N VAL A 281 17.28 -9.65 -18.03
CA VAL A 281 16.85 -9.70 -19.42
C VAL A 281 17.91 -10.28 -20.35
N THR A 282 19.15 -10.40 -19.89
CA THR A 282 20.21 -11.04 -20.66
C THR A 282 20.47 -12.48 -20.21
N LEU A 283 19.61 -13.02 -19.36
CA LEU A 283 19.73 -14.39 -18.89
C LEU A 283 18.83 -15.32 -19.69
N GLU A 284 19.16 -16.61 -19.66
CA GLU A 284 18.41 -17.60 -20.41
C GLU A 284 17.01 -17.77 -19.85
N GLY A 285 16.03 -17.83 -20.75
CA GLY A 285 14.65 -18.02 -20.35
C GLY A 285 13.95 -16.81 -19.79
N ALA A 286 14.56 -15.62 -19.91
CA ALA A 286 13.95 -14.43 -19.33
C ALA A 286 12.79 -13.90 -20.17
N PHE A 287 12.84 -14.10 -21.49
CA PHE A 287 11.80 -13.55 -22.36
C PHE A 287 10.44 -14.21 -22.10
N ASP A 288 10.43 -15.51 -21.81
CA ASP A 288 9.17 -16.20 -21.54
C ASP A 288 8.47 -15.62 -20.32
N GLY A 289 9.23 -15.19 -19.33
CA GLY A 289 8.66 -14.52 -18.18
C GLY A 289 8.36 -13.05 -18.37
N ILE A 290 8.68 -12.50 -19.54
CA ILE A 290 8.39 -11.11 -19.84
C ILE A 290 7.04 -10.96 -20.53
N MET A 291 6.79 -11.79 -21.55
CA MET A 291 5.50 -11.73 -22.24
C MET A 291 4.36 -12.07 -21.30
N TYR A 292 4.56 -13.08 -20.44
CA TYR A 292 3.54 -13.45 -19.46
C TYR A 292 3.13 -12.27 -18.60
N TYR A 293 4.07 -11.35 -18.31
CA TYR A 293 3.75 -10.14 -17.59
C TYR A 293 2.96 -9.15 -18.44
N LEU A 294 3.00 -9.29 -19.77
CA LEU A 294 2.41 -8.31 -20.67
C LEU A 294 1.18 -8.81 -21.39
N THR A 295 1.23 -10.00 -21.99
CA THR A 295 0.12 -10.47 -22.82
C THR A 295 -1.10 -10.73 -21.93
N PRO A 296 -2.27 -10.23 -22.30
CA PRO A 296 -3.46 -10.41 -21.47
C PRO A 296 -4.25 -11.66 -21.85
N GLN A 297 -5.03 -12.12 -20.87
CA GLN A 297 -5.95 -13.24 -21.06
C GLN A 297 -7.37 -12.72 -20.93
N TRP A 298 -8.18 -12.93 -21.97
CA TRP A 298 -9.57 -12.46 -21.95
C TRP A 298 -10.50 -13.50 -21.34
N ASP A 299 -10.11 -14.00 -20.17
CA ASP A 299 -10.90 -14.95 -19.39
C ASP A 299 -11.08 -14.51 -17.95
N LYS A 300 -10.06 -13.90 -17.36
CA LYS A 300 -10.12 -13.42 -15.98
C LYS A 300 -10.43 -11.94 -15.88
N ILE A 301 -10.62 -11.26 -17.01
CA ILE A 301 -10.95 -9.83 -16.97
C ILE A 301 -12.41 -9.58 -16.61
N LEU A 302 -13.23 -10.63 -16.56
CA LEU A 302 -14.63 -10.49 -16.18
C LEU A 302 -14.89 -10.76 -14.70
N GLU A 303 -14.01 -11.51 -14.04
CA GLU A 303 -14.19 -11.80 -12.63
C GLU A 303 -13.98 -10.55 -11.79
N ALA A 304 -14.77 -10.45 -10.71
CA ALA A 304 -14.70 -9.28 -9.86
C ALA A 304 -13.47 -9.26 -8.97
N LYS A 305 -12.83 -10.40 -8.74
CA LYS A 305 -11.65 -10.44 -7.88
C LYS A 305 -10.51 -9.62 -8.48
N VAL A 306 -10.25 -9.80 -9.78
CA VAL A 306 -9.14 -9.10 -10.42
C VAL A 306 -9.39 -7.60 -10.44
N TRP A 307 -10.61 -7.19 -10.76
CA TRP A 307 -10.93 -5.76 -10.79
C TRP A 307 -10.88 -5.16 -9.39
N GLY A 308 -11.35 -5.90 -8.38
CA GLY A 308 -11.28 -5.38 -7.02
C GLY A 308 -9.87 -5.25 -6.51
N ASP A 309 -9.00 -6.19 -6.86
CA ASP A 309 -7.60 -6.11 -6.46
C ASP A 309 -6.83 -5.06 -7.25
N ALA A 310 -7.24 -4.81 -8.50
CA ALA A 310 -6.60 -3.76 -9.29
C ALA A 310 -6.85 -2.39 -8.67
N ALA A 311 -8.08 -2.15 -8.19
CA ALA A 311 -8.35 -0.91 -7.47
C ALA A 311 -7.64 -0.89 -6.12
N SER A 312 -7.37 -2.06 -5.55
CA SER A 312 -6.61 -2.11 -4.30
C SER A 312 -5.20 -1.56 -4.48
N GLN A 313 -4.53 -1.96 -5.56
CA GLN A 313 -3.16 -1.52 -5.79
C GLN A 313 -3.12 -0.07 -6.28
N ILE A 314 -4.06 0.31 -7.15
CA ILE A 314 -4.06 1.68 -7.68
C ILE A 314 -4.36 2.71 -6.60
N PHE A 315 -4.91 2.29 -5.46
CA PHE A 315 -5.19 3.19 -4.35
C PHE A 315 -4.17 3.08 -3.22
N TYR A 316 -3.75 1.86 -2.88
CA TYR A 316 -2.75 1.68 -1.83
C TYR A 316 -1.42 2.28 -2.23
N SER A 317 -1.00 2.09 -3.49
CA SER A 317 0.28 2.58 -3.94
C SER A 317 0.24 4.03 -4.40
N LEU A 318 -0.91 4.68 -4.31
CA LEU A 318 -1.04 6.09 -4.67
C LEU A 318 -1.33 6.99 -3.48
N GLY A 319 -1.53 6.43 -2.30
CA GLY A 319 -1.79 7.21 -1.11
C GLY A 319 -3.22 7.66 -0.92
N CYS A 320 -4.13 7.30 -1.82
CA CYS A 320 -5.52 7.71 -1.69
C CYS A 320 -6.16 7.02 -0.50
N ALA A 321 -6.97 7.79 0.25
CA ALA A 321 -7.70 7.30 1.42
C ALA A 321 -6.77 6.84 2.54
N TRP A 322 -5.46 7.01 2.36
CA TRP A 322 -4.53 6.72 3.44
C TRP A 322 -4.74 7.67 4.62
N GLY A 323 -4.98 8.94 4.34
CA GLY A 323 -5.15 9.93 5.37
C GLY A 323 -4.13 11.05 5.27
N GLY A 324 -2.91 10.69 4.88
CA GLY A 324 -1.85 11.68 4.75
C GLY A 324 -1.89 12.46 3.45
N LEU A 325 -2.68 12.03 2.48
CA LEU A 325 -2.75 12.74 1.20
C LEU A 325 -3.31 14.14 1.39
N ILE A 326 -4.39 14.26 2.16
CA ILE A 326 -4.97 15.57 2.44
C ILE A 326 -4.07 16.37 3.38
N THR A 327 -3.51 15.71 4.40
CA THR A 327 -2.75 16.43 5.42
C THR A 327 -1.51 17.09 4.83
N MET A 328 -0.74 16.36 4.02
CA MET A 328 0.40 16.99 3.37
C MET A 328 -0.01 17.92 2.25
N ALA A 329 -1.23 17.78 1.72
CA ALA A 329 -1.77 18.77 0.79
C ALA A 329 -2.17 20.06 1.48
N SER A 330 -2.36 20.04 2.80
CA SER A 330 -2.69 21.25 3.53
C SER A 330 -1.54 22.25 3.53
N TYR A 331 -0.29 21.78 3.48
CA TYR A 331 0.85 22.67 3.47
C TYR A 331 1.10 23.31 2.10
N ASN A 332 0.40 22.87 1.07
CA ASN A 332 0.54 23.47 -0.25
C ASN A 332 -0.11 24.86 -0.27
N LYS A 333 0.44 25.72 -1.11
CA LYS A 333 -0.08 27.08 -1.23
C LYS A 333 -1.45 27.07 -1.92
N PHE A 334 -2.15 28.20 -1.80
CA PHE A 334 -3.49 28.30 -2.38
C PHE A 334 -3.44 28.31 -3.89
N HIS A 335 -2.78 29.30 -4.47
CA HIS A 335 -2.73 29.43 -5.93
C HIS A 335 -1.68 28.51 -6.53
N ASN A 336 -1.72 27.24 -6.17
CA ASN A 336 -0.80 26.25 -6.73
C ASN A 336 -1.45 25.63 -7.97
N ASN A 337 -0.83 24.60 -8.52
CA ASN A 337 -1.39 23.86 -9.66
C ASN A 337 -1.47 22.39 -9.24
N CYS A 338 -2.57 22.04 -8.57
CA CYS A 338 -2.77 20.67 -8.12
C CYS A 338 -3.01 19.72 -9.28
N TYR A 339 -3.52 20.22 -10.40
CA TYR A 339 -3.78 19.35 -11.56
C TYR A 339 -2.48 18.76 -12.10
N ARG A 340 -1.49 19.61 -12.38
CA ARG A 340 -0.22 19.12 -12.89
C ARG A 340 0.49 18.26 -11.86
N ASP A 341 0.45 18.66 -10.58
CA ASP A 341 1.10 17.87 -9.54
C ASP A 341 0.50 16.48 -9.46
N SER A 342 -0.83 16.38 -9.46
CA SER A 342 -1.49 15.09 -9.39
C SER A 342 -1.17 14.24 -10.62
N VAL A 343 -1.23 14.85 -11.81
CA VAL A 343 -0.96 14.09 -13.03
C VAL A 343 0.46 13.55 -13.02
N ILE A 344 1.43 14.40 -12.68
CA ILE A 344 2.83 13.97 -12.69
C ILE A 344 3.07 12.90 -11.64
N ILE A 345 2.54 13.08 -10.43
CA ILE A 345 2.77 12.11 -9.37
C ILE A 345 2.20 10.76 -9.76
N SER A 346 0.98 10.75 -10.30
CA SER A 346 0.36 9.49 -10.71
C SER A 346 1.14 8.84 -11.85
N ILE A 347 1.61 9.63 -12.81
CA ILE A 347 2.33 9.08 -13.95
C ILE A 347 3.63 8.43 -13.49
N THR A 348 4.40 9.14 -12.65
CA THR A 348 5.65 8.54 -12.16
C THR A 348 5.39 7.34 -11.26
N ASN A 349 4.34 7.35 -10.46
CA ASN A 349 4.03 6.19 -9.63
C ASN A 349 3.71 4.97 -10.50
N CYS A 350 2.87 5.16 -11.52
CA CYS A 350 2.54 4.05 -12.41
C CYS A 350 3.78 3.55 -13.15
N ALA A 351 4.63 4.48 -13.61
CA ALA A 351 5.85 4.08 -14.31
C ALA A 351 6.77 3.30 -13.40
N THR A 352 6.92 3.73 -12.14
CA THR A 352 7.77 3.01 -11.21
C THR A 352 7.21 1.62 -10.90
N SER A 353 5.89 1.52 -10.74
CA SER A 353 5.28 0.21 -10.51
C SER A 353 5.51 -0.72 -11.70
N VAL A 354 5.34 -0.19 -12.92
CA VAL A 354 5.57 -0.99 -14.11
C VAL A 354 7.02 -1.41 -14.21
N TYR A 355 7.96 -0.52 -13.89
CA TYR A 355 9.38 -0.85 -13.91
C TYR A 355 9.70 -1.94 -12.89
N ALA A 356 9.15 -1.83 -11.67
CA ALA A 356 9.39 -2.85 -10.66
C ALA A 356 8.85 -4.20 -11.09
N GLY A 357 7.64 -4.22 -11.66
CA GLY A 357 7.08 -5.46 -12.17
C GLY A 357 7.92 -6.03 -13.31
N PHE A 358 8.42 -5.16 -14.19
CA PHE A 358 9.25 -5.61 -15.30
C PHE A 358 10.54 -6.24 -14.81
N VAL A 359 11.15 -5.64 -13.78
CA VAL A 359 12.37 -6.22 -13.21
C VAL A 359 12.07 -7.55 -12.53
N ILE A 360 10.96 -7.61 -11.77
CA ILE A 360 10.64 -8.82 -11.03
C ILE A 360 10.35 -9.99 -11.98
N PHE A 361 9.54 -9.73 -13.01
CA PHE A 361 9.16 -10.80 -13.92
C PHE A 361 10.31 -11.23 -14.82
N SER A 362 11.35 -10.41 -14.96
CA SER A 362 12.54 -10.85 -15.67
C SER A 362 13.20 -12.03 -14.94
N ILE A 363 13.31 -11.93 -13.61
CA ILE A 363 13.92 -13.00 -12.83
C ILE A 363 13.05 -14.24 -12.82
N LEU A 364 11.73 -14.06 -12.80
CA LEU A 364 10.81 -15.20 -12.70
C LEU A 364 10.94 -16.12 -13.91
N GLY A 365 11.12 -15.55 -15.09
CA GLY A 365 11.32 -16.39 -16.28
C GLY A 365 12.58 -17.23 -16.17
N PHE A 366 13.67 -16.63 -15.69
CA PHE A 366 14.91 -17.37 -15.51
C PHE A 366 14.75 -18.47 -14.46
N MET A 367 14.03 -18.17 -13.37
CA MET A 367 13.75 -19.17 -12.36
C MET A 367 12.96 -20.33 -12.93
N ALA A 368 11.94 -20.04 -13.73
CA ALA A 368 11.16 -21.10 -14.35
C ALA A 368 12.00 -21.92 -15.33
N ASN A 369 12.89 -21.25 -16.07
CA ASN A 369 13.73 -21.94 -17.02
C ASN A 369 14.67 -22.91 -16.31
N HIS A 370 15.33 -22.45 -15.24
CA HIS A 370 16.34 -23.28 -14.59
C HIS A 370 15.74 -24.30 -13.64
N LEU A 371 14.57 -24.02 -13.06
CA LEU A 371 13.95 -24.97 -12.15
C LEU A 371 13.32 -26.14 -12.89
N GLY A 372 12.66 -25.87 -14.01
CA GLY A 372 11.91 -26.86 -14.75
C GLY A 372 10.41 -26.65 -14.74
N VAL A 373 9.89 -25.90 -13.75
CA VAL A 373 8.47 -25.59 -13.68
C VAL A 373 8.18 -24.41 -14.58
N ASP A 374 6.89 -24.13 -14.83
CA ASP A 374 6.50 -23.01 -15.65
C ASP A 374 6.61 -21.71 -14.86
N VAL A 375 6.36 -20.60 -15.55
CA VAL A 375 6.45 -19.29 -14.92
C VAL A 375 5.32 -19.09 -13.92
N SER A 376 4.12 -19.55 -14.26
CA SER A 376 2.94 -19.30 -13.42
C SER A 376 2.95 -20.10 -12.13
N ARG A 377 3.86 -21.07 -11.97
CA ARG A 377 3.93 -21.87 -10.76
C ARG A 377 5.34 -21.93 -10.19
N VAL A 378 6.17 -20.93 -10.48
CA VAL A 378 7.56 -20.95 -10.02
C VAL A 378 7.73 -20.33 -8.64
N ALA A 379 6.81 -19.48 -8.20
CA ALA A 379 6.88 -18.83 -6.90
C ALA A 379 5.55 -18.95 -6.18
N ASP A 380 5.61 -19.20 -4.88
CA ASP A 380 4.39 -19.32 -4.09
C ASP A 380 3.69 -17.98 -3.99
N HIS A 381 2.38 -17.99 -4.21
CA HIS A 381 1.58 -16.76 -4.15
C HIS A 381 1.47 -16.33 -2.69
N GLY A 382 2.11 -15.23 -2.34
CA GLY A 382 2.12 -14.75 -0.97
C GLY A 382 2.79 -13.42 -0.82
N PRO A 383 2.79 -12.87 0.40
CA PRO A 383 3.34 -11.52 0.62
C PRO A 383 4.82 -11.41 0.30
N GLY A 384 5.57 -12.51 0.36
CA GLY A 384 6.99 -12.44 0.08
C GLY A 384 7.35 -12.84 -1.33
N LEU A 385 7.54 -11.85 -2.21
CA LEU A 385 8.03 -12.11 -3.55
C LEU A 385 9.16 -11.16 -3.86
N ALA A 386 9.16 -9.98 -3.23
CA ALA A 386 10.28 -9.07 -3.34
C ALA A 386 11.50 -9.54 -2.56
N PHE A 387 11.34 -10.56 -1.71
CA PHE A 387 12.44 -11.14 -0.96
C PHE A 387 12.81 -12.53 -1.45
N VAL A 388 12.21 -12.99 -2.55
CA VAL A 388 12.53 -14.28 -3.13
C VAL A 388 13.04 -14.07 -4.54
N ALA A 389 12.58 -13.00 -5.18
CA ALA A 389 13.00 -12.69 -6.55
C ALA A 389 14.15 -11.69 -6.60
N TYR A 390 14.05 -10.60 -5.84
CA TYR A 390 15.12 -9.61 -5.82
C TYR A 390 16.45 -10.17 -5.31
N PRO A 391 16.51 -10.89 -4.18
CA PRO A 391 17.81 -11.39 -3.72
C PRO A 391 18.51 -12.32 -4.71
N GLU A 392 17.74 -13.09 -5.50
CA GLU A 392 18.35 -13.94 -6.50
C GLU A 392 19.05 -13.12 -7.58
N ALA A 393 18.43 -12.01 -7.98
CA ALA A 393 19.02 -11.18 -9.03
C ALA A 393 20.34 -10.56 -8.57
N LEU A 394 20.39 -10.08 -7.33
CA LEU A 394 21.60 -9.43 -6.84
C LEU A 394 22.77 -10.41 -6.73
N THR A 395 22.48 -11.70 -6.54
CA THR A 395 23.54 -12.68 -6.42
C THR A 395 24.35 -12.78 -7.70
N LEU A 396 23.68 -12.75 -8.86
CA LEU A 396 24.36 -12.93 -10.14
C LEU A 396 25.29 -11.77 -10.48
N LEU A 397 25.05 -10.59 -9.92
CA LEU A 397 25.88 -9.44 -10.24
C LEU A 397 27.27 -9.60 -9.65
N PRO A 398 28.29 -9.02 -10.30
CA PRO A 398 29.64 -9.06 -9.72
C PRO A 398 29.71 -8.28 -8.43
N ILE A 399 30.65 -8.69 -7.56
CA ILE A 399 30.79 -8.22 -6.19
C ILE A 399 29.40 -8.01 -5.57
N SER A 400 28.67 -9.11 -5.44
CA SER A 400 27.27 -9.07 -5.01
C SER A 400 27.02 -8.40 -3.66
N PRO A 401 27.84 -8.59 -2.61
CA PRO A 401 27.47 -8.00 -1.31
C PRO A 401 27.26 -6.49 -1.34
N LEU A 402 28.09 -5.76 -2.09
CA LEU A 402 27.91 -4.31 -2.16
C LEU A 402 26.58 -3.94 -2.80
N TRP A 403 26.22 -4.63 -3.90
CA TRP A 403 24.95 -4.35 -4.56
C TRP A 403 23.77 -4.71 -3.67
N SER A 404 23.88 -5.82 -2.92
CA SER A 404 22.82 -6.19 -1.99
C SER A 404 22.67 -5.15 -0.90
N LEU A 405 23.79 -4.66 -0.36
CA LEU A 405 23.72 -3.61 0.65
C LEU A 405 23.05 -2.36 0.10
N LEU A 406 23.44 -1.95 -1.11
CA LEU A 406 22.86 -0.75 -1.71
C LEU A 406 21.36 -0.91 -1.93
N PHE A 407 20.95 -2.06 -2.48
CA PHE A 407 19.54 -2.27 -2.78
C PHE A 407 18.70 -2.31 -1.51
N PHE A 408 19.17 -3.03 -0.48
CA PHE A 408 18.37 -3.12 0.73
C PHE A 408 18.39 -1.82 1.52
N PHE A 409 19.48 -1.05 1.43
CA PHE A 409 19.47 0.28 2.01
C PHE A 409 18.47 1.19 1.29
N MET A 410 18.37 1.06 -0.04
CA MET A 410 17.35 1.81 -0.77
C MET A 410 15.95 1.43 -0.32
N LEU A 411 15.69 0.13 -0.17
CA LEU A 411 14.39 -0.32 0.29
C LEU A 411 14.09 0.21 1.69
N ILE A 412 15.08 0.16 2.59
CA ILE A 412 14.90 0.66 3.94
C ILE A 412 14.63 2.16 3.92
N LEU A 413 15.33 2.90 3.07
CA LEU A 413 15.11 4.34 2.99
C LEU A 413 13.70 4.67 2.53
N LEU A 414 13.23 3.97 1.49
CA LEU A 414 11.87 4.21 1.00
C LEU A 414 10.84 3.88 2.08
N GLY A 415 10.99 2.72 2.72
CA GLY A 415 10.05 2.34 3.76
C GLY A 415 10.07 3.30 4.94
N LEU A 416 11.25 3.74 5.35
CA LEU A 416 11.37 4.67 6.46
C LEU A 416 10.73 6.01 6.12
N GLY A 417 10.93 6.50 4.89
CA GLY A 417 10.28 7.74 4.50
C GLY A 417 8.77 7.65 4.53
N THR A 418 8.22 6.57 3.95
CA THR A 418 6.77 6.41 3.93
C THR A 418 6.22 6.27 5.34
N GLN A 419 6.88 5.46 6.18
CA GLN A 419 6.41 5.26 7.54
C GLN A 419 6.50 6.55 8.36
N PHE A 420 7.57 7.32 8.17
CA PHE A 420 7.70 8.59 8.86
C PHE A 420 6.59 9.55 8.47
N CYS A 421 6.28 9.63 7.17
CA CYS A 421 5.18 10.49 6.73
C CYS A 421 3.85 10.04 7.34
N LEU A 422 3.60 8.73 7.32
CA LEU A 422 2.35 8.20 7.85
C LEU A 422 2.22 8.50 9.34
N LEU A 423 3.29 8.27 10.09
CA LEU A 423 3.24 8.48 11.54
C LEU A 423 3.12 9.96 11.88
N GLU A 424 3.80 10.82 11.12
CA GLU A 424 3.66 12.26 11.36
C GLU A 424 2.23 12.72 11.11
N THR A 425 1.62 12.25 10.01
CA THR A 425 0.24 12.62 9.75
C THR A 425 -0.70 12.11 10.84
N LEU A 426 -0.52 10.86 11.26
CA LEU A 426 -1.39 10.31 12.30
C LEU A 426 -1.23 11.06 13.61
N VAL A 427 0.00 11.38 13.99
CA VAL A 427 0.24 12.10 15.24
C VAL A 427 -0.37 13.49 15.17
N THR A 428 -0.20 14.19 14.04
CA THR A 428 -0.79 15.51 13.90
C THR A 428 -2.31 15.46 13.99
N ALA A 429 -2.92 14.49 13.30
CA ALA A 429 -4.38 14.37 13.32
C ALA A 429 -4.88 14.05 14.73
N ILE A 430 -4.19 13.18 15.45
CA ILE A 430 -4.59 12.87 16.82
C ILE A 430 -4.45 14.10 17.70
N VAL A 431 -3.33 14.81 17.59
CA VAL A 431 -2.99 15.89 18.50
C VAL A 431 -3.94 17.07 18.30
N ASP A 432 -4.32 17.35 17.05
CA ASP A 432 -5.04 18.59 16.75
C ASP A 432 -6.32 18.72 17.58
N GLU A 433 -7.13 17.67 17.62
CA GLU A 433 -8.44 17.74 18.28
C GLU A 433 -8.38 17.08 19.67
N VAL A 434 -7.62 17.71 20.57
CA VAL A 434 -7.57 17.28 21.96
C VAL A 434 -7.67 18.54 22.82
N GLY A 435 -7.54 18.41 24.13
CA GLY A 435 -7.61 19.53 25.06
C GLY A 435 -6.56 20.60 24.84
N ASN A 436 -6.60 21.64 25.68
CA ASN A 436 -5.80 22.84 25.48
C ASN A 436 -4.29 22.59 25.54
N GLU A 437 -3.78 22.20 26.70
CA GLU A 437 -2.33 22.22 26.87
C GLU A 437 -1.76 20.90 27.37
N TRP A 438 -2.45 20.20 28.28
CA TRP A 438 -1.85 19.02 28.90
C TRP A 438 -1.66 17.87 27.93
N ILE A 439 -2.29 17.90 26.76
CA ILE A 439 -2.10 16.85 25.76
C ILE A 439 -1.72 17.51 24.43
N LEU A 440 -1.25 18.75 24.50
CA LEU A 440 -0.78 19.45 23.30
C LEU A 440 0.67 19.90 23.39
N GLN A 441 1.10 20.45 24.53
CA GLN A 441 2.50 20.84 24.67
C GLN A 441 3.40 19.63 24.80
N LYS A 442 2.90 18.55 25.39
CA LYS A 442 3.65 17.29 25.50
C LYS A 442 3.39 16.38 24.31
N LYS A 443 3.60 16.93 23.10
CA LYS A 443 3.39 16.17 21.88
C LYS A 443 4.40 15.03 21.75
N THR A 444 5.59 15.19 22.30
CA THR A 444 6.61 14.15 22.21
C THR A 444 6.17 12.89 22.95
N TYR A 445 5.53 13.06 24.11
CA TYR A 445 5.09 11.90 24.89
C TYR A 445 4.03 11.09 24.15
N VAL A 446 3.07 11.77 23.51
CA VAL A 446 2.06 11.05 22.75
C VAL A 446 2.67 10.40 21.50
N THR A 447 3.70 11.03 20.92
CA THR A 447 4.41 10.40 19.82
C THR A 447 5.10 9.13 20.27
N LEU A 448 5.72 9.16 21.45
CA LEU A 448 6.34 7.96 22.00
C LEU A 448 5.28 6.89 22.27
N GLY A 449 4.13 7.29 22.78
CA GLY A 449 3.05 6.34 23.00
C GLY A 449 2.57 5.70 21.71
N VAL A 450 2.45 6.49 20.64
CA VAL A 450 2.12 5.93 19.34
C VAL A 450 3.24 5.05 18.82
N ALA A 451 4.49 5.50 18.96
CA ALA A 451 5.64 4.73 18.50
C ALA A 451 5.91 3.50 19.36
N VAL A 452 5.36 3.43 20.57
CA VAL A 452 5.50 2.24 21.39
C VAL A 452 4.28 1.32 21.29
N ALA A 453 3.13 1.83 20.88
CA ALA A 453 1.97 0.98 20.67
C ALA A 453 2.15 0.10 19.45
N GLY A 454 2.78 0.62 18.40
CA GLY A 454 3.01 -0.17 17.21
C GLY A 454 4.00 -1.31 17.44
N PHE A 455 5.01 -1.07 18.27
CA PHE A 455 5.98 -2.12 18.57
C PHE A 455 5.33 -3.27 19.32
N LEU A 456 4.51 -2.97 20.32
CA LEU A 456 3.81 -4.03 21.06
C LEU A 456 2.76 -4.71 20.21
N LEU A 457 2.11 -3.98 19.30
CA LEU A 457 1.15 -4.58 18.40
C LEU A 457 1.81 -5.38 17.29
N GLY A 458 3.07 -5.11 16.98
CA GLY A 458 3.81 -5.81 15.96
C GLY A 458 4.51 -7.08 16.39
N ILE A 459 4.46 -7.42 17.68
CA ILE A 459 5.10 -8.66 18.15
C ILE A 459 4.51 -9.89 17.48
N PRO A 460 3.19 -10.07 17.38
CA PRO A 460 2.69 -11.28 16.69
C PRO A 460 3.12 -11.37 15.23
N LEU A 461 3.30 -10.24 14.55
CA LEU A 461 3.72 -10.27 13.15
C LEU A 461 5.15 -10.76 12.99
N THR A 462 5.95 -10.73 14.06
CA THR A 462 7.33 -11.19 14.01
C THR A 462 7.48 -12.62 14.50
N SER A 463 6.38 -13.30 14.84
CA SER A 463 6.45 -14.68 15.31
C SER A 463 6.62 -15.62 14.12
N GLN A 464 6.59 -16.93 14.42
CA GLN A 464 6.74 -17.93 13.36
C GLN A 464 5.58 -17.85 12.37
N ALA A 465 4.36 -17.68 12.88
CA ALA A 465 3.19 -17.44 12.02
C ALA A 465 3.03 -15.93 11.78
N GLY A 466 4.06 -15.34 11.20
CA GLY A 466 4.12 -13.91 11.02
C GLY A 466 3.53 -13.41 9.72
N ILE A 467 4.00 -13.96 8.59
CA ILE A 467 3.47 -13.52 7.30
C ILE A 467 2.02 -13.96 7.11
N TYR A 468 1.56 -14.97 7.82
CA TYR A 468 0.16 -15.35 7.73
C TYR A 468 -0.74 -14.23 8.24
N TRP A 469 -0.35 -13.58 9.35
CA TRP A 469 -1.14 -12.47 9.87
C TRP A 469 -0.95 -11.20 9.04
N LEU A 470 0.29 -10.93 8.60
CA LEU A 470 0.53 -9.74 7.80
C LEU A 470 -0.21 -9.80 6.47
N LEU A 471 -0.20 -10.97 5.82
CA LEU A 471 -0.89 -11.14 4.55
C LEU A 471 -2.41 -11.00 4.74
N LEU A 472 -2.95 -11.56 5.82
CA LEU A 472 -4.37 -11.38 6.10
C LEU A 472 -4.70 -9.93 6.35
N MET A 473 -3.85 -9.23 7.12
CA MET A 473 -4.07 -7.81 7.37
C MET A 473 -3.95 -7.00 6.08
N ASP A 474 -2.97 -7.34 5.24
CA ASP A 474 -2.82 -6.65 3.96
C ASP A 474 -4.00 -6.90 3.04
N ASN A 475 -4.47 -8.15 2.97
CA ASN A 475 -5.50 -8.52 2.01
C ASN A 475 -6.91 -8.23 2.50
N TYR A 476 -7.10 -7.92 3.79
CA TYR A 476 -8.43 -7.62 4.31
C TYR A 476 -8.55 -6.19 4.80
N ALA A 477 -7.69 -5.76 5.73
CA ALA A 477 -7.82 -4.42 6.30
C ALA A 477 -7.59 -3.34 5.25
N ALA A 478 -6.36 -3.23 4.75
CA ALA A 478 -6.02 -2.23 3.74
C ALA A 478 -5.96 -2.86 2.35
N SER A 479 -7.09 -3.42 1.91
CA SER A 479 -7.21 -3.90 0.54
C SER A 479 -8.31 -3.18 -0.23
N PHE A 480 -9.54 -3.21 0.27
CA PHE A 480 -10.68 -2.63 -0.45
C PHE A 480 -11.29 -1.43 0.24
N SER A 481 -11.10 -1.29 1.55
CA SER A 481 -11.68 -0.16 2.27
C SER A 481 -11.20 1.16 1.68
N LEU A 482 -9.93 1.23 1.31
CA LEU A 482 -9.38 2.45 0.71
C LEU A 482 -10.20 2.88 -0.49
N VAL A 483 -10.73 1.92 -1.24
CA VAL A 483 -11.64 2.25 -2.34
C VAL A 483 -12.93 2.83 -1.79
N VAL A 484 -13.60 2.07 -0.91
CA VAL A 484 -14.94 2.45 -0.47
C VAL A 484 -14.89 3.80 0.25
N ILE A 485 -13.93 3.97 1.16
CA ILE A 485 -13.79 5.25 1.85
C ILE A 485 -13.60 6.39 0.86
N SER A 486 -12.82 6.16 -0.19
CA SER A 486 -12.67 7.17 -1.22
C SER A 486 -13.95 7.33 -2.02
N CYS A 487 -14.63 6.23 -2.31
CA CYS A 487 -15.83 6.29 -3.15
C CYS A 487 -16.89 7.16 -2.49
N ILE A 488 -17.11 6.97 -1.19
CA ILE A 488 -18.03 7.83 -0.45
C ILE A 488 -17.61 9.29 -0.57
N MET A 489 -16.30 9.54 -0.48
CA MET A 489 -15.79 10.89 -0.71
C MET A 489 -16.22 11.42 -2.07
N CYS A 490 -16.08 10.59 -3.11
CA CYS A 490 -16.48 11.01 -4.45
C CYS A 490 -17.97 11.31 -4.52
N VAL A 491 -18.78 10.76 -3.62
CA VAL A 491 -20.19 11.09 -3.56
C VAL A 491 -20.48 12.17 -2.52
N ALA A 492 -19.58 12.40 -1.57
CA ALA A 492 -19.83 13.37 -0.52
C ALA A 492 -19.81 14.81 -1.03
N ILE A 493 -19.20 15.04 -2.20
CA ILE A 493 -19.05 16.38 -2.73
C ILE A 493 -19.86 16.58 -4.01
N MET A 494 -19.92 15.56 -4.87
CA MET A 494 -20.59 15.72 -6.16
C MET A 494 -22.10 15.65 -6.03
N TYR A 495 -22.62 14.84 -5.09
CA TYR A 495 -24.05 14.65 -4.95
C TYR A 495 -24.59 15.05 -3.58
N ILE A 496 -23.77 15.63 -2.71
CA ILE A 496 -24.25 16.09 -1.42
C ILE A 496 -23.89 17.56 -1.25
N TYR A 497 -22.60 17.88 -1.39
CA TYR A 497 -22.20 19.28 -1.41
C TYR A 497 -22.74 20.00 -2.64
N GLY A 498 -22.72 19.35 -3.79
CA GLY A 498 -23.11 19.98 -5.03
C GLY A 498 -21.94 20.08 -6.00
N HIS A 499 -22.02 19.37 -7.12
CA HIS A 499 -20.92 19.35 -8.07
C HIS A 499 -20.67 20.73 -8.67
N ARG A 500 -21.72 21.52 -8.88
CA ARG A 500 -21.54 22.87 -9.40
C ARG A 500 -20.74 23.73 -8.42
N ASN A 501 -21.05 23.62 -7.12
CA ASN A 501 -20.33 24.40 -6.12
C ASN A 501 -18.86 24.02 -6.09
N TYR A 502 -18.56 22.72 -6.12
CA TYR A 502 -17.17 22.29 -6.11
C TYR A 502 -16.43 22.71 -7.38
N PHE A 503 -17.09 22.60 -8.54
CA PHE A 503 -16.45 23.00 -9.79
C PHE A 503 -16.16 24.49 -9.81
N GLN A 504 -17.08 25.29 -9.28
CA GLN A 504 -16.79 26.72 -9.13
C GLN A 504 -15.68 26.96 -8.12
N ASP A 505 -15.55 26.08 -7.13
CA ASP A 505 -14.54 26.27 -6.09
C ASP A 505 -13.13 26.10 -6.65
N ILE A 506 -12.91 25.10 -7.51
CA ILE A 506 -11.59 24.89 -8.08
C ILE A 506 -11.22 26.05 -9.01
N GLN A 507 -12.20 26.63 -9.71
CA GLN A 507 -11.91 27.75 -10.59
C GLN A 507 -11.33 28.94 -9.82
N MET A 508 -11.61 29.02 -8.52
CA MET A 508 -10.96 30.05 -7.70
C MET A 508 -9.50 29.72 -7.44
N MET A 509 -9.16 28.43 -7.33
CA MET A 509 -7.77 28.04 -7.14
C MET A 509 -6.92 28.42 -8.35
N LEU A 510 -7.35 28.01 -9.53
CA LEU A 510 -6.54 28.07 -10.73
C LEU A 510 -7.06 29.18 -11.65
N GLY A 511 -6.41 29.33 -12.80
CA GLY A 511 -6.91 30.23 -13.82
C GLY A 511 -7.90 29.61 -14.77
N PHE A 512 -8.14 28.32 -14.66
CA PHE A 512 -9.03 27.59 -15.55
C PHE A 512 -9.92 26.64 -14.74
N PRO A 513 -11.10 26.33 -15.26
CA PRO A 513 -11.96 25.34 -14.59
C PRO A 513 -11.38 23.94 -14.75
N PRO A 514 -11.87 22.98 -13.98
CA PRO A 514 -11.34 21.61 -14.10
C PRO A 514 -11.52 21.08 -15.50
N PRO A 515 -10.58 20.27 -15.99
CA PRO A 515 -10.68 19.76 -17.37
C PRO A 515 -11.93 18.91 -17.56
N LEU A 516 -12.43 18.91 -18.81
CA LEU A 516 -13.69 18.23 -19.11
C LEU A 516 -13.63 16.75 -18.76
N PHE A 517 -12.45 16.12 -18.89
CA PHE A 517 -12.34 14.71 -18.56
C PHE A 517 -12.60 14.47 -17.08
N PHE A 518 -12.08 15.34 -16.21
CA PHE A 518 -12.25 15.14 -14.78
C PHE A 518 -13.67 15.46 -14.32
N GLN A 519 -14.37 16.34 -15.05
CA GLN A 519 -15.73 16.69 -14.66
C GLN A 519 -16.68 15.51 -14.85
N ILE A 520 -16.64 14.87 -16.02
CA ILE A 520 -17.52 13.74 -16.28
C ILE A 520 -17.09 12.53 -15.46
N CYS A 521 -15.78 12.31 -15.33
CA CYS A 521 -15.30 11.12 -14.64
C CYS A 521 -15.63 11.15 -13.15
N TRP A 522 -15.55 12.33 -12.53
CA TRP A 522 -15.86 12.44 -11.11
C TRP A 522 -17.30 12.10 -10.82
N ARG A 523 -18.24 12.66 -11.60
CA ARG A 523 -19.65 12.52 -11.28
C ARG A 523 -20.16 11.12 -11.59
N PHE A 524 -19.81 10.59 -12.77
CA PHE A 524 -20.45 9.37 -13.28
C PHE A 524 -19.49 8.20 -13.40
N VAL A 525 -18.39 8.36 -14.13
CA VAL A 525 -17.60 7.20 -14.56
C VAL A 525 -16.93 6.53 -13.37
N SER A 526 -16.30 7.30 -12.49
CA SER A 526 -15.51 6.70 -11.43
C SER A 526 -16.39 6.00 -10.39
N PRO A 527 -17.23 6.71 -9.62
CA PRO A 527 -17.87 6.03 -8.47
C PRO A 527 -18.74 4.87 -8.87
N ALA A 528 -19.48 5.00 -9.97
CA ALA A 528 -20.33 3.91 -10.44
C ALA A 528 -19.51 2.65 -10.66
N ILE A 529 -18.32 2.79 -11.25
CA ILE A 529 -17.46 1.63 -11.45
C ILE A 529 -17.21 0.94 -10.13
N ILE A 530 -16.85 1.71 -9.10
CA ILE A 530 -16.63 1.14 -7.77
C ILE A 530 -17.89 0.40 -7.32
N PHE A 531 -19.05 1.05 -7.48
CA PHE A 531 -20.29 0.41 -7.08
C PHE A 531 -20.49 -0.91 -7.80
N PHE A 532 -20.11 -0.98 -9.08
CA PHE A 532 -20.26 -2.24 -9.80
C PHE A 532 -19.45 -3.34 -9.14
N ILE A 533 -18.21 -3.04 -8.74
CA ILE A 533 -17.44 -4.01 -7.99
C ILE A 533 -18.14 -4.32 -6.66
N LEU A 534 -18.64 -3.28 -6.00
CA LEU A 534 -19.40 -3.47 -4.77
C LEU A 534 -20.68 -4.26 -5.02
N VAL A 535 -21.12 -4.37 -6.27
CA VAL A 535 -22.27 -5.20 -6.57
C VAL A 535 -21.85 -6.64 -6.80
N PHE A 536 -20.63 -6.86 -7.30
CA PHE A 536 -20.17 -8.19 -7.66
C PHE A 536 -19.34 -8.85 -6.57
N THR A 537 -18.33 -8.15 -6.04
CA THR A 537 -17.38 -8.77 -5.12
C THR A 537 -17.92 -8.95 -3.71
N VAL A 538 -19.11 -8.44 -3.42
CA VAL A 538 -19.62 -8.47 -2.05
C VAL A 538 -20.65 -9.58 -1.87
N ILE A 539 -21.76 -9.50 -2.60
CA ILE A 539 -22.88 -10.41 -2.38
C ILE A 539 -23.07 -11.39 -3.52
N GLN A 540 -23.01 -10.94 -4.78
CA GLN A 540 -23.35 -11.80 -5.89
C GLN A 540 -22.29 -12.84 -6.21
N TYR A 541 -21.01 -12.47 -6.15
CA TYR A 541 -19.96 -13.33 -6.66
C TYR A 541 -18.91 -13.67 -5.61
N GLN A 542 -19.34 -14.07 -4.40
CA GLN A 542 -18.41 -14.44 -3.34
C GLN A 542 -18.55 -15.91 -2.98
N PRO A 543 -17.92 -16.82 -3.73
CA PRO A 543 -17.86 -18.21 -3.29
C PRO A 543 -16.69 -18.44 -2.35
N ILE A 544 -16.45 -19.70 -1.97
CA ILE A 544 -15.28 -20.03 -1.16
C ILE A 544 -13.98 -19.87 -1.91
N THR A 545 -14.04 -19.74 -3.24
CA THR A 545 -12.85 -19.53 -4.05
C THR A 545 -12.22 -18.16 -3.80
N TYR A 546 -12.97 -17.22 -3.24
CA TYR A 546 -12.46 -15.87 -2.98
C TYR A 546 -11.42 -15.82 -1.88
N ASN A 547 -11.00 -16.97 -1.36
CA ASN A 547 -9.88 -17.07 -0.44
C ASN A 547 -8.75 -17.77 -1.19
N HIS A 548 -7.81 -16.97 -1.72
CA HIS A 548 -6.67 -17.54 -2.42
C HIS A 548 -5.85 -18.47 -1.54
N TYR A 549 -5.94 -18.30 -0.23
CA TYR A 549 -5.33 -19.18 0.76
C TYR A 549 -6.43 -19.89 1.53
N GLN A 550 -6.03 -20.78 2.43
CA GLN A 550 -6.98 -21.57 3.22
C GLN A 550 -6.78 -21.23 4.69
N TYR A 551 -7.47 -20.20 5.14
CA TYR A 551 -7.45 -19.77 6.53
C TYR A 551 -8.59 -20.45 7.30
N PRO A 552 -8.43 -20.63 8.61
CA PRO A 552 -9.52 -21.17 9.42
C PRO A 552 -10.64 -20.15 9.56
N GLY A 553 -11.72 -20.59 10.20
CA GLY A 553 -12.88 -19.72 10.35
C GLY A 553 -12.59 -18.48 11.15
N TRP A 554 -11.84 -18.62 12.24
CA TRP A 554 -11.55 -17.46 13.09
C TRP A 554 -10.68 -16.45 12.36
N ALA A 555 -9.75 -16.92 11.52
CA ALA A 555 -8.88 -16.01 10.80
C ALA A 555 -9.66 -15.14 9.82
N VAL A 556 -10.52 -15.77 9.00
CA VAL A 556 -11.31 -15.00 8.06
C VAL A 556 -12.33 -14.13 8.79
N ALA A 557 -12.83 -14.59 9.94
CA ALA A 557 -13.74 -13.77 10.72
C ALA A 557 -13.06 -12.49 11.20
N ILE A 558 -11.84 -12.62 11.75
CA ILE A 558 -11.11 -11.45 12.20
C ILE A 558 -10.75 -10.54 11.03
N GLY A 559 -10.39 -11.13 9.89
CA GLY A 559 -10.08 -10.32 8.72
C GLY A 559 -11.28 -9.52 8.24
N PHE A 560 -12.45 -10.16 8.20
CA PHE A 560 -13.67 -9.47 7.80
C PHE A 560 -14.03 -8.38 8.79
N LEU A 561 -13.85 -8.64 10.09
CA LEU A 561 -14.10 -7.62 11.09
C LEU A 561 -13.16 -6.43 10.91
N MET A 562 -11.88 -6.71 10.61
CA MET A 562 -10.93 -5.64 10.36
C MET A 562 -11.32 -4.82 9.14
N ALA A 563 -11.78 -5.48 8.08
CA ALA A 563 -12.23 -4.77 6.89
C ALA A 563 -13.42 -3.88 7.21
N LEU A 564 -14.38 -4.39 7.99
CA LEU A 564 -15.57 -3.61 8.32
C LEU A 564 -15.26 -2.54 9.37
N SER A 565 -14.18 -2.70 10.13
CA SER A 565 -13.87 -1.74 11.19
C SER A 565 -13.53 -0.36 10.62
N SER A 566 -12.96 -0.31 9.42
CA SER A 566 -12.57 0.95 8.80
C SER A 566 -13.67 1.54 7.93
N VAL A 567 -14.77 0.83 7.71
CA VAL A 567 -15.86 1.34 6.90
C VAL A 567 -17.11 1.63 7.73
N LEU A 568 -17.30 0.96 8.86
CA LEU A 568 -18.45 1.21 9.71
C LEU A 568 -18.37 2.58 10.40
N CYS A 569 -17.23 3.27 10.33
CA CYS A 569 -17.11 4.57 10.96
C CYS A 569 -17.94 5.64 10.27
N ILE A 570 -18.36 5.39 9.03
CA ILE A 570 -19.13 6.38 8.27
C ILE A 570 -20.60 6.36 8.70
N PRO A 571 -21.28 5.19 8.76
CA PRO A 571 -22.68 5.22 9.21
C PRO A 571 -22.83 5.42 10.71
N LEU A 572 -21.87 4.90 11.50
CA LEU A 572 -21.96 5.05 12.94
C LEU A 572 -21.83 6.51 13.37
N TYR A 573 -20.90 7.25 12.76
CA TYR A 573 -20.79 8.67 13.06
C TYR A 573 -22.01 9.44 12.57
N ALA A 574 -22.59 9.03 11.45
CA ALA A 574 -23.82 9.65 10.99
C ALA A 574 -24.94 9.46 12.01
N MET A 575 -25.06 8.24 12.56
CA MET A 575 -26.07 7.99 13.59
C MET A 575 -25.79 8.82 14.84
N PHE A 576 -24.51 8.92 15.22
CA PHE A 576 -24.15 9.74 16.37
C PHE A 576 -24.54 11.20 16.16
N ARG A 577 -24.29 11.73 14.96
CA ARG A 577 -24.68 13.10 14.66
C ARG A 577 -26.20 13.26 14.69
N LEU A 578 -26.92 12.29 14.15
CA LEU A 578 -28.39 12.36 14.15
C LEU A 578 -28.96 12.23 15.56
N CYS A 579 -28.22 11.62 16.48
CA CYS A 579 -28.69 11.48 17.86
C CYS A 579 -28.49 12.74 18.69
N ARG A 580 -27.68 13.70 18.21
CA ARG A 580 -27.42 14.92 18.96
C ARG A 580 -27.91 16.18 18.26
N THR A 581 -28.10 16.16 16.95
CA THR A 581 -28.54 17.34 16.22
C THR A 581 -29.90 17.81 16.74
N ASP A 582 -30.04 19.13 16.87
CA ASP A 582 -31.26 19.72 17.41
C ASP A 582 -32.38 19.66 16.38
N GLY A 583 -33.52 19.12 16.77
CA GLY A 583 -34.66 19.02 15.88
C GLY A 583 -35.57 17.89 16.30
N ASP A 584 -36.72 17.83 15.63
CA ASP A 584 -37.74 16.81 15.90
C ASP A 584 -37.98 15.91 14.71
N THR A 585 -38.26 16.47 13.53
CA THR A 585 -38.45 15.65 12.34
C THR A 585 -37.18 14.91 11.96
N LEU A 586 -36.04 15.59 12.10
CA LEU A 586 -34.72 15.05 11.78
C LEU A 586 -34.59 14.73 10.29
N LEU A 587 -35.61 15.09 9.51
CA LEU A 587 -35.53 15.06 8.05
C LEU A 587 -35.12 16.43 7.51
N GLN A 588 -35.76 17.49 8.00
CA GLN A 588 -35.27 18.84 7.73
C GLN A 588 -33.92 19.06 8.37
N ARG A 589 -33.73 18.55 9.59
CA ARG A 589 -32.44 18.66 10.25
C ARG A 589 -31.36 17.83 9.58
N LEU A 590 -31.75 16.83 8.77
CA LEU A 590 -30.77 16.09 7.99
C LEU A 590 -30.06 17.00 7.00
N LYS A 591 -30.77 17.96 6.42
CA LYS A 591 -30.11 19.00 5.64
C LYS A 591 -29.17 19.83 6.50
N ASN A 592 -29.60 20.15 7.73
CA ASN A 592 -28.75 20.92 8.63
C ASN A 592 -27.48 20.16 8.99
N ALA A 593 -27.60 18.87 9.25
CA ALA A 593 -26.44 18.06 9.59
C ALA A 593 -25.51 17.81 8.41
N THR A 594 -25.98 18.07 7.19
CA THR A 594 -25.15 17.89 5.99
C THR A 594 -24.82 19.20 5.28
N LYS A 595 -25.45 20.31 5.67
CA LYS A 595 -25.12 21.59 5.09
C LYS A 595 -23.70 21.98 5.47
N PRO A 596 -22.91 22.52 4.53
CA PRO A 596 -21.53 22.90 4.85
C PRO A 596 -21.48 23.92 5.97
N SER A 597 -20.52 23.76 6.86
CA SER A 597 -20.42 24.60 8.04
C SER A 597 -19.98 26.02 7.66
N ARG A 598 -20.27 26.96 8.55
CA ARG A 598 -19.85 28.34 8.35
C ARG A 598 -18.34 28.49 8.37
N ASP A 599 -17.62 27.53 8.97
CA ASP A 599 -16.16 27.59 9.00
C ASP A 599 -15.56 27.30 7.63
N TRP A 600 -16.34 26.69 6.74
CA TRP A 600 -15.83 26.32 5.43
C TRP A 600 -15.55 27.56 4.59
N GLY A 601 -14.47 27.50 3.82
CA GLY A 601 -14.09 28.61 2.96
C GLY A 601 -12.59 28.89 2.96
#